data_4YRS
#
_entry.id   4YRS
#
_cell.length_a   66.455
_cell.length_b   119.677
_cell.length_c   66.750
_cell.angle_alpha   90.000
_cell.angle_beta   94.170
_cell.angle_gamma   90.000
#
_symmetry.space_group_name_H-M   'I 1 2 1'
#
loop_
_entity.id
_entity.type
_entity.pdbx_description
1 polymer 'Histidyl-tRNA synthetase'
2 non-polymer HISTIDINE
3 non-polymer N-(quinolin-3-yl)propanamide
4 water water
#
_entity_poly.entity_id   1
_entity_poly.type   'polypeptide(L)'
_entity_poly.pdbx_seq_one_letter_code
;MAHHHHHHMGTLEAQTQGPGSMQKNMVETEPVQGCRDFPPEAMRCRRHLFDVFHATAKTFGFEEYDAPVLESEELYIRKA
GEEITEQMFNFITKGGHRVALRPEMTPSLARLLLGKGRSLLLPAKWYSIPQCWRYEAITRGRRREHYQWNMDIVGVKSVS
AEVELVCAACWAMRSLGLSSKDVGIKVNSRKVLQTVVEQAGVTSDKFAPVCVIVDKMEKIPREEVEAQLAVLGLEPTVVD
AITTTLSLKSIDEIAQRVGEEHEAVKELRQFFEQVEAYGYGDWVLFDASVVRGLAYYTGIVFEGFDREGKFRALCGGGRY
DNLLTTYGSPTPIPCAGFGFGDCVIVELLQEKRLLPDIPHVVDDVVIPFDESMRPHALAVLRRLRDAGRSADIILDKKKV
VQAFNYADRVGAVRAVLVAPEEWERGEVQVKMLREGTGKEEGGAERGFAVPLDRLV
;
_entity_poly.pdbx_strand_id   A
#
loop_
_chem_comp.id
_chem_comp.type
_chem_comp.name
_chem_comp.formula
4JS non-polymer N-(quinolin-3-yl)propanamide 'C12 H12 N2 O'
#
# COMPACT_ATOMS: atom_id res chain seq x y z
N MET A 26 36.19 8.65 6.90
CA MET A 26 35.01 8.65 5.99
C MET A 26 33.99 7.59 6.38
N VAL A 27 32.85 8.03 6.92
CA VAL A 27 31.81 7.11 7.39
C VAL A 27 31.05 6.50 6.19
N GLU A 28 30.37 5.39 6.45
CA GLU A 28 29.63 4.69 5.41
C GLU A 28 28.36 5.47 5.02
N THR A 29 28.28 5.85 3.74
CA THR A 29 27.18 6.65 3.22
C THR A 29 26.01 5.77 2.81
N GLU A 30 26.29 4.57 2.33
CA GLU A 30 25.25 3.63 1.96
C GLU A 30 24.42 3.28 3.20
N PRO A 31 23.12 3.05 3.01
CA PRO A 31 22.29 2.64 4.15
C PRO A 31 22.53 1.19 4.57
N VAL A 32 21.90 0.82 5.69
CA VAL A 32 21.92 -0.55 6.19
C VAL A 32 21.46 -1.50 5.09
N GLN A 33 22.01 -2.73 5.10
CA GLN A 33 21.70 -3.74 4.10
C GLN A 33 20.19 -3.84 3.80
N GLY A 34 19.84 -3.74 2.52
CA GLY A 34 18.45 -3.95 2.08
C GLY A 34 17.43 -2.87 2.39
N CYS A 35 17.86 -1.74 2.95
CA CYS A 35 16.95 -0.60 3.20
C CYS A 35 17.17 0.50 2.16
N ARG A 36 16.25 1.46 2.15
CA ARG A 36 16.28 2.59 1.23
C ARG A 36 16.31 3.97 1.90
N ASP A 37 17.17 4.84 1.36
CA ASP A 37 17.12 6.26 1.64
C ASP A 37 16.11 6.94 0.74
N PHE A 38 15.50 8.01 1.22
CA PHE A 38 14.58 8.83 0.42
C PHE A 38 15.04 10.27 0.42
N PRO A 39 16.07 10.60 -0.37
CA PRO A 39 16.41 12.01 -0.50
C PRO A 39 15.27 12.70 -1.26
N PRO A 40 15.32 14.04 -1.35
CA PRO A 40 14.12 14.79 -1.79
C PRO A 40 13.43 14.22 -3.05
N GLU A 41 14.19 14.08 -4.13
CA GLU A 41 13.70 13.56 -5.42
C GLU A 41 12.91 12.25 -5.28
N ALA A 42 13.49 11.28 -4.59
CA ALA A 42 12.85 9.99 -4.38
C ALA A 42 11.66 10.14 -3.47
N MET A 43 11.77 11.02 -2.48
CA MET A 43 10.68 11.25 -1.52
C MET A 43 9.43 11.84 -2.19
N ARG A 44 9.62 12.59 -3.27
CA ARG A 44 8.50 13.15 -4.04
C ARG A 44 7.77 12.06 -4.80
N CYS A 45 8.49 11.07 -5.33
CA CYS A 45 7.86 9.88 -5.90
CA CYS A 45 7.84 9.92 -5.92
C CYS A 45 7.07 9.19 -4.82
N ARG A 46 7.71 8.90 -3.70
CA ARG A 46 7.01 8.28 -2.58
C ARG A 46 5.75 9.04 -2.19
N ARG A 47 5.83 10.37 -2.17
CA ARG A 47 4.66 11.18 -1.82
C ARG A 47 3.58 11.12 -2.89
N HIS A 48 3.98 11.09 -4.15
CA HIS A 48 3.02 11.00 -5.21
C HIS A 48 2.14 9.77 -5.00
N LEU A 49 2.77 8.69 -4.58
CA LEU A 49 2.10 7.43 -4.39
C LEU A 49 1.22 7.49 -3.15
N PHE A 50 1.81 7.91 -2.05
CA PHE A 50 1.12 7.91 -0.77
C PHE A 50 -0.06 8.86 -0.77
N ASP A 51 0.04 9.94 -1.52
CA ASP A 51 -1.05 10.88 -1.58
C ASP A 51 -2.24 10.22 -2.20
N VAL A 52 -1.99 9.30 -3.15
CA VAL A 52 -3.05 8.52 -3.76
C VAL A 52 -3.69 7.57 -2.75
N PHE A 53 -2.87 6.86 -1.98
CA PHE A 53 -3.40 5.96 -0.95
C PHE A 53 -4.26 6.73 0.03
N HIS A 54 -3.82 7.93 0.41
CA HIS A 54 -4.58 8.70 1.39
C HIS A 54 -5.89 9.19 0.79
N ALA A 55 -5.85 9.64 -0.45
CA ALA A 55 -7.02 10.22 -1.09
C ALA A 55 -8.07 9.15 -1.37
N THR A 56 -7.61 7.98 -1.80
CA THR A 56 -8.50 6.86 -2.07
C THR A 56 -9.17 6.46 -0.76
N ALA A 57 -8.39 6.38 0.31
CA ALA A 57 -8.90 6.04 1.62
C ALA A 57 -9.98 7.02 2.05
N LYS A 58 -9.72 8.30 1.83
CA LYS A 58 -10.68 9.33 2.21
C LYS A 58 -11.93 9.22 1.35
N THR A 59 -11.75 8.94 0.07
CA THR A 59 -12.83 8.81 -0.86
C THR A 59 -13.76 7.68 -0.39
N PHE A 60 -13.14 6.57 0.03
CA PHE A 60 -13.90 5.39 0.41
C PHE A 60 -14.31 5.40 1.87
N GLY A 61 -13.92 6.44 2.59
CA GLY A 61 -14.46 6.70 3.92
C GLY A 61 -13.74 6.00 5.04
N PHE A 62 -12.49 5.58 4.81
CA PHE A 62 -11.70 4.90 5.85
C PHE A 62 -11.01 5.90 6.75
N GLU A 63 -10.64 5.45 7.95
CA GLU A 63 -9.97 6.30 8.92
C GLU A 63 -8.58 5.77 9.14
N GLU A 64 -7.63 6.69 9.25
CA GLU A 64 -6.24 6.32 9.41
C GLU A 64 -5.95 5.87 10.82
N TYR A 65 -5.03 4.92 10.93
CA TYR A 65 -4.49 4.50 12.21
C TYR A 65 -3.02 4.13 12.03
N ASP A 66 -2.36 3.82 13.12
CA ASP A 66 -0.95 3.43 13.10
C ASP A 66 -0.64 2.75 14.42
N ALA A 67 0.33 1.86 14.41
CA ALA A 67 0.80 1.19 15.62
C ALA A 67 2.33 1.14 15.61
N PRO A 68 2.94 0.77 16.75
CA PRO A 68 4.39 0.72 16.79
C PRO A 68 4.98 -0.24 15.79
N VAL A 69 6.09 0.15 15.17
CA VAL A 69 6.80 -0.72 14.24
C VAL A 69 7.34 -1.98 14.95
N LEU A 70 7.43 -1.90 16.27
CA LEU A 70 7.99 -2.93 17.10
C LEU A 70 6.85 -3.70 17.78
N GLU A 71 6.83 -5.02 17.62
CA GLU A 71 5.80 -5.85 18.26
C GLU A 71 6.42 -7.03 18.97
N SER A 72 5.73 -7.53 19.99
CA SER A 72 6.13 -8.76 20.64
C SER A 72 6.13 -9.90 19.63
N GLU A 73 7.13 -10.78 19.73
CA GLU A 73 7.30 -11.88 18.77
C GLU A 73 6.13 -12.86 18.83
N GLU A 74 5.59 -13.06 20.03
CA GLU A 74 4.44 -13.93 20.25
C GLU A 74 3.28 -13.68 19.27
N LEU A 75 3.21 -12.46 18.75
CA LEU A 75 2.12 -12.05 17.87
C LEU A 75 2.11 -12.73 16.49
N TYR A 76 3.18 -13.39 16.08
CA TYR A 76 3.29 -13.86 14.69
C TYR A 76 3.49 -15.36 14.46
N ILE A 77 3.75 -16.14 15.50
CA ILE A 77 4.06 -17.56 15.29
C ILE A 77 2.78 -18.35 15.02
N ARG A 78 2.45 -18.53 13.74
CA ARG A 78 1.16 -19.10 13.31
C ARG A 78 1.18 -20.60 13.02
N LYS A 79 2.37 -21.20 12.91
CA LYS A 79 2.54 -22.66 12.75
C LYS A 79 1.93 -23.24 11.46
N ALA A 80 1.85 -22.42 10.41
CA ALA A 80 1.32 -22.85 9.12
C ALA A 80 2.41 -23.06 8.05
N GLY A 81 3.64 -22.69 8.37
CA GLY A 81 4.77 -22.77 7.43
C GLY A 81 4.80 -21.64 6.42
N GLU A 82 4.25 -20.49 6.79
CA GLU A 82 4.19 -19.32 5.91
C GLU A 82 5.56 -18.71 5.64
N GLU A 83 5.74 -18.16 4.44
CA GLU A 83 7.01 -17.53 4.05
C GLU A 83 7.27 -16.23 4.84
N ILE A 84 6.20 -15.63 5.35
CA ILE A 84 6.30 -14.41 6.15
C ILE A 84 6.83 -14.67 7.57
N THR A 85 6.51 -15.84 8.13
CA THR A 85 6.97 -16.23 9.47
C THR A 85 8.29 -16.99 9.42
N GLU A 86 8.76 -17.32 8.22
CA GLU A 86 10.08 -17.92 8.03
C GLU A 86 11.16 -16.84 8.01
N GLN A 87 10.80 -15.65 7.54
CA GLN A 87 11.72 -14.56 7.30
C GLN A 87 11.32 -13.35 8.12
N MET A 88 11.50 -13.45 9.44
CA MET A 88 11.08 -12.41 10.35
C MET A 88 12.28 -11.72 10.98
N PHE A 89 12.25 -10.39 10.96
CA PHE A 89 13.38 -9.56 11.42
C PHE A 89 13.23 -9.31 12.93
N ASN A 90 13.75 -10.24 13.73
CA ASN A 90 13.51 -10.22 15.17
C ASN A 90 14.78 -10.14 15.99
N PHE A 91 14.62 -9.80 17.27
CA PHE A 91 15.75 -9.64 18.17
C PHE A 91 15.29 -9.51 19.62
N ILE A 92 16.25 -9.36 20.53
CA ILE A 92 15.98 -9.30 21.95
C ILE A 92 16.34 -7.91 22.48
N THR A 93 15.39 -7.26 23.15
CA THR A 93 15.72 -6.09 23.97
C THR A 93 16.65 -6.53 25.11
N LYS A 94 17.53 -5.64 25.54
CA LYS A 94 18.40 -5.94 26.69
C LYS A 94 17.58 -6.39 27.89
N GLY A 95 16.36 -5.85 28.02
CA GLY A 95 15.45 -6.23 29.09
C GLY A 95 14.77 -7.58 28.96
N GLY A 96 15.13 -8.36 27.94
CA GLY A 96 14.73 -9.77 27.86
C GLY A 96 13.57 -10.08 26.93
N HIS A 97 12.70 -9.11 26.68
CA HIS A 97 11.50 -9.33 25.87
C HIS A 97 11.82 -9.61 24.39
N ARG A 98 11.17 -10.64 23.86
CA ARG A 98 11.34 -11.06 22.46
C ARG A 98 10.49 -10.15 21.59
N VAL A 99 11.13 -9.35 20.75
CA VAL A 99 10.41 -8.41 19.87
C VAL A 99 10.86 -8.47 18.43
N ALA A 100 10.06 -7.89 17.54
CA ALA A 100 10.26 -8.02 16.11
C ALA A 100 9.83 -6.77 15.35
N LEU A 101 10.52 -6.49 14.26
CA LEU A 101 10.10 -5.47 13.33
C LEU A 101 8.99 -6.06 12.50
N ARG A 102 7.81 -5.48 12.59
CA ARG A 102 6.60 -6.06 12.00
C ARG A 102 6.83 -6.50 10.55
N PRO A 103 6.55 -7.77 10.23
CA PRO A 103 6.58 -8.22 8.84
C PRO A 103 5.31 -7.87 8.11
N GLU A 104 4.26 -7.52 8.86
CA GLU A 104 3.00 -7.10 8.28
C GLU A 104 2.18 -6.36 9.33
N MET A 105 1.08 -5.77 8.90
CA MET A 105 0.26 -4.93 9.76
C MET A 105 -0.97 -5.60 10.36
N THR A 106 -1.48 -6.67 9.73
CA THR A 106 -2.79 -7.20 10.12
C THR A 106 -2.84 -7.68 11.58
N PRO A 107 -1.78 -8.35 12.06
CA PRO A 107 -1.82 -8.72 13.48
C PRO A 107 -1.86 -7.52 14.43
N SER A 108 -1.17 -6.43 14.05
CA SER A 108 -1.19 -5.19 14.85
C SER A 108 -2.57 -4.55 14.87
N LEU A 109 -3.22 -4.52 13.70
CA LEU A 109 -4.60 -4.02 13.58
C LEU A 109 -5.54 -4.73 14.55
N ALA A 110 -5.51 -6.06 14.50
CA ALA A 110 -6.35 -6.88 15.36
C ALA A 110 -6.00 -6.66 16.85
N ARG A 111 -4.74 -6.33 17.14
CA ARG A 111 -4.35 -6.02 18.51
C ARG A 111 -5.04 -4.75 18.98
N LEU A 112 -5.10 -3.74 18.12
CA LEU A 112 -5.85 -2.53 18.40
C LEU A 112 -7.36 -2.82 18.56
N LEU A 113 -7.92 -3.58 17.61
CA LEU A 113 -9.34 -3.88 17.62
C LEU A 113 -9.75 -4.64 18.89
N LEU A 114 -8.87 -5.51 19.36
CA LEU A 114 -9.14 -6.21 20.60
C LEU A 114 -9.05 -5.29 21.81
N GLY A 115 -8.07 -4.40 21.80
CA GLY A 115 -7.91 -3.45 22.88
C GLY A 115 -9.17 -2.63 23.11
N LYS A 116 -9.84 -2.27 22.02
CA LYS A 116 -11.03 -1.42 22.07
C LYS A 116 -12.25 -2.14 22.62
N GLY A 117 -12.34 -3.45 22.41
CA GLY A 117 -13.43 -4.26 22.95
C GLY A 117 -14.77 -3.82 22.39
N ARG A 118 -15.74 -3.61 23.30
CA ARG A 118 -17.09 -3.19 22.90
C ARG A 118 -17.21 -1.68 22.61
N SER A 119 -16.24 -0.88 23.07
CA SER A 119 -16.20 0.55 22.70
C SER A 119 -15.79 0.75 21.22
N LEU A 120 -15.46 -0.35 20.55
CA LEU A 120 -15.30 -0.36 19.10
C LEU A 120 -16.67 -0.34 18.41
N LEU A 121 -16.82 0.61 17.50
CA LEU A 121 -18.05 0.78 16.74
C LEU A 121 -17.92 0.16 15.35
N LEU A 122 -18.79 -0.81 15.07
CA LEU A 122 -18.78 -1.53 13.80
C LEU A 122 -19.95 -1.10 12.94
N PRO A 123 -19.76 -1.02 11.62
CA PRO A 123 -18.55 -1.46 10.96
C PRO A 123 -17.43 -0.41 11.00
N ALA A 124 -16.17 -0.87 11.02
CA ALA A 124 -15.02 0.03 11.05
C ALA A 124 -14.17 -0.15 9.81
N LYS A 125 -13.75 0.96 9.24
CA LYS A 125 -12.99 0.96 8.03
C LYS A 125 -11.71 1.68 8.32
N TRP A 126 -10.65 0.91 8.58
CA TRP A 126 -9.34 1.44 9.03
C TRP A 126 -8.27 1.28 7.96
N TYR A 127 -7.42 2.29 7.80
CA TYR A 127 -6.29 2.21 6.85
C TYR A 127 -5.00 2.72 7.45
N SER A 128 -3.88 2.29 6.88
CA SER A 128 -2.55 2.72 7.34
C SER A 128 -1.50 2.49 6.26
N ILE A 129 -0.36 3.15 6.34
CA ILE A 129 0.72 2.98 5.37
C ILE A 129 2.03 2.63 6.09
N PRO A 130 2.02 1.52 6.84
CA PRO A 130 3.17 1.14 7.63
C PRO A 130 4.32 0.62 6.80
N GLN A 131 5.52 0.89 7.26
CA GLN A 131 6.69 0.24 6.76
C GLN A 131 6.76 -1.09 7.50
N CYS A 132 6.97 -2.16 6.74
CA CYS A 132 7.05 -3.51 7.29
C CYS A 132 8.40 -4.13 6.91
N TRP A 133 8.85 -5.11 7.70
CA TRP A 133 10.22 -5.59 7.67
C TRP A 133 10.37 -7.11 7.62
N ARG A 134 11.23 -7.59 6.71
CA ARG A 134 11.60 -9.02 6.64
C ARG A 134 13.12 -9.19 6.70
N TYR A 135 13.56 -10.38 7.10
CA TYR A 135 14.99 -10.74 7.15
C TYR A 135 15.31 -11.86 6.18
N GLU A 136 16.39 -11.71 5.41
CA GLU A 136 16.86 -12.75 4.48
C GLU A 136 18.38 -12.82 4.41
N ALA A 137 18.88 -13.97 3.93
CA ALA A 137 20.32 -14.18 3.73
C ALA A 137 20.78 -13.60 2.39
N ILE A 138 19.83 -13.43 1.45
CA ILE A 138 20.13 -12.92 0.12
C ILE A 138 20.36 -11.41 0.21
N THR A 139 21.64 -11.02 0.29
CA THR A 139 22.04 -9.63 0.36
C THR A 139 21.94 -8.97 -1.03
N ARG A 142 18.00 -8.43 -2.50
CA ARG A 142 16.68 -8.43 -1.89
C ARG A 142 16.52 -7.27 -0.89
N ARG A 143 15.30 -6.71 -0.83
CA ARG A 143 14.97 -5.64 0.12
C ARG A 143 14.49 -6.20 1.46
N ARG A 144 14.79 -5.49 2.54
CA ARG A 144 14.38 -5.88 3.89
C ARG A 144 13.22 -5.02 4.41
N GLU A 145 12.69 -4.15 3.55
CA GLU A 145 11.63 -3.24 3.94
C GLU A 145 10.80 -2.78 2.74
N HIS A 146 9.55 -2.45 3.02
CA HIS A 146 8.70 -1.85 2.04
C HIS A 146 7.64 -1.12 2.80
N TYR A 147 6.97 -0.21 2.12
CA TYR A 147 5.80 0.45 2.65
C TYR A 147 4.55 -0.25 2.10
N GLN A 148 3.60 -0.56 2.99
CA GLN A 148 2.41 -1.29 2.61
C GLN A 148 1.19 -0.53 3.05
N TRP A 149 0.43 -0.03 2.07
CA TRP A 149 -0.92 0.48 2.31
C TRP A 149 -1.76 -0.70 2.79
N ASN A 150 -2.41 -0.53 3.93
CA ASN A 150 -3.33 -1.52 4.45
C ASN A 150 -4.71 -0.95 4.54
N MET A 151 -5.69 -1.65 3.97
CA MET A 151 -7.08 -1.26 4.08
C MET A 151 -7.85 -2.45 4.61
N ASP A 152 -8.56 -2.26 5.72
CA ASP A 152 -9.42 -3.31 6.28
C ASP A 152 -10.77 -2.78 6.66
N ILE A 153 -11.77 -3.63 6.44
CA ILE A 153 -13.12 -3.40 6.89
C ILE A 153 -13.39 -4.42 7.97
N VAL A 154 -13.89 -3.96 9.10
CA VAL A 154 -14.12 -4.80 10.27
C VAL A 154 -15.59 -4.77 10.62
N GLY A 155 -16.15 -5.92 10.94
CA GLY A 155 -17.54 -6.01 11.41
C GLY A 155 -18.58 -6.08 10.30
N VAL A 156 -18.19 -6.59 9.13
CA VAL A 156 -19.11 -6.75 8.00
C VAL A 156 -19.14 -8.21 7.55
N LYS A 157 -20.28 -8.86 7.66
CA LYS A 157 -20.40 -10.26 7.29
C LYS A 157 -20.35 -10.44 5.78
N SER A 158 -21.08 -9.58 5.06
CA SER A 158 -21.35 -9.81 3.65
C SER A 158 -20.22 -9.38 2.73
N VAL A 159 -20.12 -10.03 1.57
CA VAL A 159 -19.08 -9.74 0.57
C VAL A 159 -19.06 -8.28 0.09
N SER A 160 -20.10 -7.53 0.41
CA SER A 160 -20.13 -6.10 0.16
C SER A 160 -18.86 -5.37 0.65
N ALA A 161 -18.17 -5.97 1.62
CA ALA A 161 -16.91 -5.42 2.12
C ALA A 161 -15.77 -5.67 1.14
N GLU A 162 -15.64 -6.91 0.68
CA GLU A 162 -14.65 -7.25 -0.33
C GLU A 162 -14.84 -6.40 -1.56
N VAL A 163 -16.10 -6.19 -1.95
CA VAL A 163 -16.43 -5.35 -3.08
C VAL A 163 -15.84 -3.96 -2.87
N GLU A 164 -16.12 -3.40 -1.70
CA GLU A 164 -15.60 -2.08 -1.35
C GLU A 164 -14.07 -2.07 -1.39
N LEU A 165 -13.47 -3.15 -0.90
CA LEU A 165 -12.02 -3.24 -0.84
C LEU A 165 -11.40 -3.31 -2.22
N VAL A 166 -11.90 -4.20 -3.06
CA VAL A 166 -11.38 -4.34 -4.41
C VAL A 166 -11.58 -3.03 -5.18
N CYS A 167 -12.77 -2.47 -5.09
CA CYS A 167 -13.04 -1.21 -5.76
C CYS A 167 -12.07 -0.15 -5.30
N ALA A 168 -11.74 -0.13 -4.02
CA ALA A 168 -10.69 0.79 -3.53
C ALA A 168 -9.34 0.53 -4.21
N ALA A 169 -8.96 -0.74 -4.30
CA ALA A 169 -7.71 -1.10 -4.95
C ALA A 169 -7.64 -0.56 -6.38
N CYS A 170 -8.74 -0.67 -7.10
CA CYS A 170 -8.80 -0.26 -8.49
C CYS A 170 -8.79 1.25 -8.61
N TRP A 171 -9.49 1.91 -7.69
CA TRP A 171 -9.55 3.37 -7.64
C TRP A 171 -8.15 3.95 -7.53
N ALA A 172 -7.40 3.48 -6.55
CA ALA A 172 -6.02 3.91 -6.36
C ALA A 172 -5.22 3.70 -7.64
N MET A 173 -5.44 2.57 -8.29
CA MET A 173 -4.68 2.26 -9.48
C MET A 173 -5.03 3.22 -10.60
N ARG A 174 -6.31 3.39 -10.91
CA ARG A 174 -6.69 4.41 -11.90
C ARG A 174 -6.19 5.82 -11.50
N SER A 175 -6.16 6.11 -10.19
CA SER A 175 -5.71 7.40 -9.70
C SER A 175 -4.25 7.68 -10.08
N LEU A 176 -3.43 6.62 -10.05
CA LEU A 176 -2.06 6.70 -10.55
C LEU A 176 -1.98 6.69 -12.09
N GLY A 177 -3.11 6.43 -12.74
CA GLY A 177 -3.24 6.53 -14.19
C GLY A 177 -3.17 5.21 -14.94
N LEU A 178 -3.52 4.12 -14.26
CA LEU A 178 -3.55 2.79 -14.86
C LEU A 178 -4.98 2.50 -15.27
N SER A 179 -5.15 1.65 -16.28
CA SER A 179 -6.50 1.34 -16.78
C SER A 179 -6.83 -0.14 -16.64
N SER A 180 -8.11 -0.46 -16.87
CA SER A 180 -8.54 -1.84 -16.89
C SER A 180 -7.78 -2.62 -17.94
N LYS A 181 -7.19 -1.93 -18.92
CA LYS A 181 -6.32 -2.58 -19.92
C LYS A 181 -4.90 -2.87 -19.41
N ASP A 182 -4.51 -2.30 -18.28
CA ASP A 182 -3.16 -2.49 -17.76
C ASP A 182 -3.11 -3.51 -16.62
N VAL A 183 -4.09 -3.45 -15.73
CA VAL A 183 -4.11 -4.35 -14.57
C VAL A 183 -5.48 -4.96 -14.32
N GLY A 184 -5.51 -5.96 -13.44
CA GLY A 184 -6.74 -6.58 -13.04
C GLY A 184 -6.72 -7.06 -11.60
N ILE A 185 -7.84 -7.63 -11.16
CA ILE A 185 -7.96 -8.22 -9.85
C ILE A 185 -8.53 -9.63 -10.00
N LYS A 186 -7.71 -10.64 -9.74
CA LYS A 186 -8.16 -12.02 -9.77
C LYS A 186 -8.84 -12.32 -8.46
N VAL A 187 -9.94 -13.05 -8.52
CA VAL A 187 -10.75 -13.35 -7.33
C VAL A 187 -11.07 -14.86 -7.25
N ASN A 188 -11.19 -15.35 -6.02
CA ASN A 188 -11.46 -16.75 -5.77
C ASN A 188 -12.05 -16.81 -4.37
N SER A 189 -12.32 -18.02 -3.86
CA SER A 189 -12.72 -18.17 -2.47
C SER A 189 -12.17 -19.45 -1.89
N ARG A 190 -11.49 -19.32 -0.74
CA ARG A 190 -10.92 -20.48 -0.07
C ARG A 190 -11.98 -21.46 0.44
N LYS A 191 -13.22 -21.01 0.57
CA LYS A 191 -14.33 -21.89 0.95
C LYS A 191 -14.51 -23.05 -0.03
N VAL A 192 -14.11 -22.82 -1.29
CA VAL A 192 -14.17 -23.85 -2.31
C VAL A 192 -13.24 -25.00 -1.94
N LEU A 193 -11.98 -24.66 -1.70
CA LEU A 193 -11.00 -25.67 -1.32
C LEU A 193 -11.35 -26.24 0.05
N GLN A 194 -11.93 -25.41 0.92
CA GLN A 194 -12.37 -25.83 2.24
C GLN A 194 -13.23 -27.09 2.15
N THR A 195 -14.12 -27.14 1.17
CA THR A 195 -15.05 -28.25 1.03
C THR A 195 -14.40 -29.49 0.41
N VAL A 196 -13.57 -29.27 -0.62
CA VAL A 196 -12.80 -30.35 -1.24
C VAL A 196 -11.98 -31.14 -0.20
N VAL A 197 -11.33 -30.40 0.70
CA VAL A 197 -10.51 -30.97 1.77
C VAL A 197 -11.38 -31.64 2.85
N GLU A 198 -12.53 -31.05 3.15
CA GLU A 198 -13.45 -31.60 4.15
C GLU A 198 -14.13 -32.89 3.66
N GLN A 199 -14.66 -32.85 2.44
CA GLN A 199 -15.29 -34.03 1.81
C GLN A 199 -14.34 -35.20 1.60
N ALA A 200 -13.08 -34.88 1.28
CA ALA A 200 -12.05 -35.90 1.01
C ALA A 200 -11.50 -36.57 2.27
N GLY A 201 -11.81 -35.99 3.43
CA GLY A 201 -11.54 -36.63 4.72
C GLY A 201 -10.27 -36.16 5.41
N VAL A 202 -9.95 -34.88 5.28
CA VAL A 202 -8.75 -34.33 5.89
C VAL A 202 -9.11 -33.33 6.98
N THR A 203 -8.71 -33.66 8.20
CA THR A 203 -8.85 -32.77 9.35
C THR A 203 -8.44 -31.33 9.02
N SER A 204 -9.26 -30.37 9.45
CA SER A 204 -9.13 -28.98 9.03
C SER A 204 -7.80 -28.33 9.43
N ASP A 205 -7.11 -28.89 10.42
CA ASP A 205 -5.76 -28.43 10.79
C ASP A 205 -4.77 -28.49 9.61
N LYS A 206 -4.94 -29.48 8.74
CA LYS A 206 -4.09 -29.63 7.55
C LYS A 206 -4.40 -28.59 6.46
N PHE A 207 -5.55 -27.94 6.55
CA PHE A 207 -6.02 -27.01 5.51
C PHE A 207 -5.11 -25.81 5.28
N ALA A 208 -4.86 -25.03 6.33
CA ALA A 208 -4.08 -23.80 6.19
C ALA A 208 -2.68 -24.02 5.61
N PRO A 209 -1.95 -25.03 6.13
CA PRO A 209 -0.66 -25.41 5.54
C PRO A 209 -0.72 -25.82 4.07
N VAL A 210 -1.85 -26.40 3.66
CA VAL A 210 -2.08 -26.73 2.25
C VAL A 210 -2.19 -25.46 1.40
N CYS A 211 -3.03 -24.53 1.85
CA CYS A 211 -3.16 -23.23 1.16
C CYS A 211 -1.79 -22.62 0.92
N VAL A 212 -0.91 -22.74 1.91
CA VAL A 212 0.45 -22.21 1.80
C VAL A 212 1.22 -22.91 0.68
N ILE A 213 1.08 -24.23 0.61
CA ILE A 213 1.79 -25.01 -0.40
C ILE A 213 1.18 -24.80 -1.78
N VAL A 214 -0.13 -24.79 -1.85
CA VAL A 214 -0.86 -24.62 -3.11
C VAL A 214 -0.68 -23.21 -3.68
N ASP A 215 -0.44 -22.22 -2.82
CA ASP A 215 -0.10 -20.86 -3.25
C ASP A 215 1.22 -20.77 -4.02
N LYS A 216 2.13 -21.71 -3.79
CA LYS A 216 3.44 -21.68 -4.44
C LYS A 216 3.46 -22.50 -5.73
N MET A 217 2.36 -22.50 -6.48
CA MET A 217 2.19 -23.44 -7.60
C MET A 217 2.86 -23.00 -8.91
N GLU A 218 2.61 -21.76 -9.31
CA GLU A 218 3.23 -21.22 -10.53
C GLU A 218 4.74 -21.05 -10.34
N LYS A 219 5.12 -20.65 -9.13
CA LYS A 219 6.51 -20.41 -8.78
C LYS A 219 7.43 -21.64 -8.85
N ILE A 220 6.87 -22.84 -8.61
CA ILE A 220 7.67 -24.10 -8.57
C ILE A 220 6.99 -25.25 -9.35
N PRO A 221 7.68 -26.41 -9.54
CA PRO A 221 7.07 -27.50 -10.32
C PRO A 221 5.80 -28.09 -9.71
N ARG A 222 5.10 -28.93 -10.49
CA ARG A 222 3.87 -29.58 -10.05
C ARG A 222 4.12 -30.82 -9.19
N GLU A 223 5.12 -31.62 -9.56
CA GLU A 223 5.50 -32.81 -8.80
C GLU A 223 6.07 -32.44 -7.42
N GLU A 224 6.68 -31.25 -7.33
CA GLU A 224 7.24 -30.77 -6.07
C GLU A 224 6.15 -30.35 -5.07
N VAL A 225 5.05 -29.81 -5.57
CA VAL A 225 3.90 -29.45 -4.73
C VAL A 225 3.22 -30.71 -4.20
N GLU A 226 2.99 -31.69 -5.08
CA GLU A 226 2.31 -32.93 -4.71
C GLU A 226 3.11 -33.79 -3.73
N ALA A 227 4.44 -33.71 -3.84
CA ALA A 227 5.33 -34.35 -2.86
C ALA A 227 5.31 -33.57 -1.56
N GLN A 228 5.25 -32.25 -1.66
CA GLN A 228 5.19 -31.35 -0.50
C GLN A 228 3.84 -31.47 0.22
N LEU A 229 2.79 -31.79 -0.53
CA LEU A 229 1.48 -32.09 0.03
C LEU A 229 1.48 -33.47 0.68
N ALA A 230 2.03 -34.45 -0.02
CA ALA A 230 2.08 -35.82 0.47
C ALA A 230 2.80 -35.92 1.81
N VAL A 231 3.79 -35.05 2.01
CA VAL A 231 4.53 -34.96 3.28
C VAL A 231 3.61 -34.65 4.48
N LEU A 232 2.49 -33.97 4.23
CA LEU A 232 1.54 -33.65 5.30
C LEU A 232 0.46 -34.72 5.52
N GLY A 233 0.63 -35.91 4.93
CA GLY A 233 -0.26 -37.03 5.17
C GLY A 233 -1.51 -36.99 4.31
N LEU A 234 -1.30 -36.95 3.00
CA LEU A 234 -2.40 -36.88 2.02
C LEU A 234 -2.13 -37.82 0.85
N GLU A 235 -3.06 -38.75 0.62
CA GLU A 235 -2.93 -39.73 -0.47
C GLU A 235 -3.42 -39.14 -1.81
N PRO A 236 -2.97 -39.71 -2.94
CA PRO A 236 -3.25 -39.19 -4.31
C PRO A 236 -4.70 -38.78 -4.60
N THR A 237 -5.68 -39.57 -4.14
CA THR A 237 -7.09 -39.26 -4.35
C THR A 237 -7.41 -37.87 -3.81
N VAL A 238 -6.94 -37.62 -2.60
CA VAL A 238 -7.16 -36.37 -1.89
C VAL A 238 -6.35 -35.22 -2.52
N VAL A 239 -5.15 -35.53 -3.00
CA VAL A 239 -4.27 -34.54 -3.65
C VAL A 239 -4.77 -34.15 -5.04
N ASP A 240 -5.23 -35.13 -5.82
CA ASP A 240 -5.70 -34.88 -7.19
C ASP A 240 -6.94 -33.99 -7.23
N ALA A 241 -7.81 -34.15 -6.23
CA ALA A 241 -8.98 -33.28 -6.08
C ALA A 241 -8.55 -31.82 -5.99
N ILE A 242 -7.48 -31.58 -5.24
CA ILE A 242 -6.92 -30.23 -5.09
C ILE A 242 -6.38 -29.71 -6.42
N THR A 243 -5.59 -30.53 -7.12
CA THR A 243 -5.01 -30.12 -8.41
C THR A 243 -6.08 -29.67 -9.40
N THR A 244 -7.14 -30.48 -9.52
CA THR A 244 -8.22 -30.26 -10.48
C THR A 244 -8.99 -28.97 -10.21
N THR A 245 -9.26 -28.69 -8.95
CA THR A 245 -10.12 -27.57 -8.54
C THR A 245 -9.45 -26.19 -8.62
N LEU A 246 -8.11 -26.17 -8.64
CA LEU A 246 -7.36 -24.94 -8.87
C LEU A 246 -7.39 -24.54 -10.34
N SER A 247 -7.36 -25.54 -11.22
CA SER A 247 -7.34 -25.31 -12.67
C SER A 247 -8.75 -25.33 -13.30
N LEU A 248 -9.78 -25.01 -12.52
CA LEU A 248 -11.11 -24.77 -13.06
C LEU A 248 -11.20 -23.29 -13.45
N LYS A 249 -11.79 -23.02 -14.60
CA LYS A 249 -11.67 -21.67 -15.20
C LYS A 249 -12.87 -20.79 -14.96
N SER A 250 -14.01 -21.37 -14.58
CA SER A 250 -15.23 -20.61 -14.41
C SER A 250 -15.92 -20.93 -13.09
N ILE A 251 -16.92 -20.12 -12.76
CA ILE A 251 -17.74 -20.34 -11.56
C ILE A 251 -18.67 -21.51 -11.82
N ASP A 252 -19.19 -21.57 -13.05
CA ASP A 252 -20.04 -22.68 -13.48
C ASP A 252 -19.39 -24.03 -13.20
N GLU A 253 -18.10 -24.13 -13.52
CA GLU A 253 -17.31 -25.34 -13.25
C GLU A 253 -17.17 -25.60 -11.76
N ILE A 254 -17.05 -24.53 -10.98
CA ILE A 254 -17.10 -24.64 -9.52
C ILE A 254 -18.47 -25.12 -9.07
N ALA A 255 -19.53 -24.66 -9.75
CA ALA A 255 -20.89 -25.10 -9.43
C ALA A 255 -21.08 -26.59 -9.70
N GLN A 256 -20.62 -27.07 -10.86
CA GLN A 256 -20.69 -28.50 -11.16
C GLN A 256 -20.03 -29.31 -10.06
N ARG A 257 -18.89 -28.82 -9.60
CA ARG A 257 -18.09 -29.49 -8.58
C ARG A 257 -18.73 -29.46 -7.17
N VAL A 258 -19.40 -28.37 -6.80
CA VAL A 258 -19.94 -28.21 -5.43
C VAL A 258 -21.37 -27.60 -5.33
N GLY A 259 -22.09 -27.49 -6.45
CA GLY A 259 -23.47 -26.99 -6.45
C GLY A 259 -23.60 -25.48 -6.43
N GLU A 260 -24.75 -24.97 -6.90
CA GLU A 260 -25.10 -23.55 -6.77
C GLU A 260 -25.60 -23.25 -5.34
N GLU A 261 -26.08 -24.29 -4.67
CA GLU A 261 -26.34 -24.24 -3.22
C GLU A 261 -25.18 -23.62 -2.44
N HIS A 262 -23.96 -23.96 -2.83
CA HIS A 262 -22.74 -23.55 -2.12
C HIS A 262 -22.62 -22.03 -1.90
N GLU A 263 -22.20 -21.64 -0.71
CA GLU A 263 -22.20 -20.23 -0.31
C GLU A 263 -21.03 -19.47 -0.96
N ALA A 264 -19.90 -20.15 -1.15
CA ALA A 264 -18.80 -19.57 -1.93
C ALA A 264 -19.26 -19.21 -3.34
N VAL A 265 -20.23 -19.93 -3.88
CA VAL A 265 -20.76 -19.65 -5.21
C VAL A 265 -21.68 -18.44 -5.19
N LYS A 266 -22.59 -18.39 -4.22
CA LYS A 266 -23.48 -17.23 -4.05
C LYS A 266 -22.69 -15.97 -3.76
N GLU A 267 -21.69 -16.09 -2.88
CA GLU A 267 -20.77 -15.00 -2.56
C GLU A 267 -20.00 -14.47 -3.77
N LEU A 268 -19.48 -15.36 -4.59
CA LEU A 268 -18.73 -14.95 -5.77
C LEU A 268 -19.66 -14.26 -6.77
N ARG A 269 -20.86 -14.82 -6.96
CA ARG A 269 -21.85 -14.23 -7.86
C ARG A 269 -22.24 -12.84 -7.40
N GLN A 270 -22.52 -12.71 -6.11
CA GLN A 270 -22.86 -11.42 -5.52
C GLN A 270 -21.70 -10.45 -5.63
N PHE A 271 -20.49 -10.96 -5.38
CA PHE A 271 -19.31 -10.13 -5.48
C PHE A 271 -19.20 -9.56 -6.88
N PHE A 272 -19.34 -10.41 -7.89
CA PHE A 272 -19.14 -9.95 -9.27
C PHE A 272 -20.27 -9.03 -9.71
N GLU A 273 -21.47 -9.30 -9.22
CA GLU A 273 -22.64 -8.48 -9.53
C GLU A 273 -22.49 -7.06 -8.97
N GLN A 274 -21.99 -6.96 -7.74
CA GLN A 274 -21.84 -5.65 -7.08
C GLN A 274 -20.69 -4.83 -7.67
N VAL A 275 -19.58 -5.48 -7.98
CA VAL A 275 -18.47 -4.80 -8.64
C VAL A 275 -18.92 -4.34 -10.04
N GLU A 276 -19.66 -5.19 -10.75
CA GLU A 276 -20.25 -4.76 -12.03
C GLU A 276 -21.03 -3.47 -11.83
N ALA A 277 -21.99 -3.51 -10.90
CA ALA A 277 -22.87 -2.37 -10.64
C ALA A 277 -22.10 -1.09 -10.25
N TYR A 278 -21.06 -1.25 -9.45
CA TYR A 278 -20.23 -0.11 -9.07
C TYR A 278 -19.56 0.56 -10.30
N GLY A 279 -19.29 -0.25 -11.33
CA GLY A 279 -18.71 0.22 -12.58
C GLY A 279 -17.30 -0.30 -12.85
N TYR A 280 -16.87 -1.31 -12.11
CA TYR A 280 -15.53 -1.85 -12.26
C TYR A 280 -15.49 -3.30 -12.74
N GLY A 281 -16.51 -3.72 -13.50
CA GLY A 281 -16.57 -5.09 -14.00
C GLY A 281 -15.36 -5.49 -14.85
N ASP A 282 -14.89 -4.55 -15.67
CA ASP A 282 -13.73 -4.74 -16.55
C ASP A 282 -12.40 -4.98 -15.80
N TRP A 283 -12.33 -4.58 -14.53
CA TRP A 283 -11.09 -4.73 -13.73
C TRP A 283 -10.96 -6.10 -13.05
N VAL A 284 -12.08 -6.79 -12.83
CA VAL A 284 -12.08 -8.00 -12.01
C VAL A 284 -12.45 -9.24 -12.80
N LEU A 285 -11.86 -10.36 -12.39
CA LEU A 285 -12.13 -11.65 -13.04
C LEU A 285 -11.90 -12.79 -12.05
N PHE A 286 -12.53 -13.94 -12.30
CA PHE A 286 -12.40 -15.12 -11.44
C PHE A 286 -11.16 -15.94 -11.80
N ASP A 287 -10.42 -16.43 -10.81
CA ASP A 287 -9.27 -17.32 -11.04
C ASP A 287 -9.13 -18.34 -9.91
N ALA A 288 -9.54 -19.57 -10.16
CA ALA A 288 -9.52 -20.62 -9.15
C ALA A 288 -8.11 -20.97 -8.63
N SER A 289 -7.06 -20.42 -9.22
CA SER A 289 -5.70 -20.67 -8.73
C SER A 289 -5.33 -19.80 -7.52
N VAL A 290 -6.08 -18.75 -7.27
CA VAL A 290 -5.70 -17.74 -6.28
C VAL A 290 -6.07 -18.18 -4.88
N VAL A 291 -5.08 -18.40 -4.03
CA VAL A 291 -5.36 -18.70 -2.62
C VAL A 291 -4.69 -17.75 -1.62
N ARG A 292 -3.62 -17.07 -2.04
CA ARG A 292 -2.82 -16.23 -1.17
C ARG A 292 -2.05 -17.10 -0.22
N GLY A 293 -0.95 -16.57 0.29
CA GLY A 293 0.01 -17.36 1.04
C GLY A 293 -0.12 -17.25 2.55
N LEU A 294 -1.07 -16.43 3.02
CA LEU A 294 -1.25 -16.22 4.47
C LEU A 294 -2.36 -17.12 5.03
N ALA A 295 -2.24 -17.46 6.31
CA ALA A 295 -3.00 -18.54 6.92
C ALA A 295 -4.44 -18.13 7.24
N TYR A 296 -4.63 -16.87 7.63
CA TYR A 296 -5.90 -16.46 8.25
C TYR A 296 -7.07 -16.20 7.29
N TYR A 297 -6.84 -16.29 5.99
CA TYR A 297 -7.92 -16.09 5.04
C TYR A 297 -8.88 -17.29 5.05
N THR A 298 -10.17 -16.98 5.09
CA THR A 298 -11.23 -17.96 5.25
C THR A 298 -12.25 -17.98 4.11
N GLY A 299 -12.40 -16.87 3.39
CA GLY A 299 -13.36 -16.77 2.29
C GLY A 299 -12.74 -16.18 1.05
N ILE A 300 -13.41 -15.19 0.49
CA ILE A 300 -12.93 -14.54 -0.71
C ILE A 300 -11.49 -14.04 -0.51
N VAL A 301 -10.70 -14.16 -1.57
CA VAL A 301 -9.33 -13.71 -1.61
C VAL A 301 -9.09 -13.09 -2.97
N PHE A 302 -8.14 -12.19 -3.06
CA PHE A 302 -7.90 -11.50 -4.30
C PHE A 302 -6.48 -10.98 -4.44
N GLU A 303 -6.11 -10.75 -5.69
CA GLU A 303 -4.73 -10.55 -6.05
C GLU A 303 -4.65 -9.65 -7.27
N GLY A 304 -4.12 -8.45 -7.08
CA GLY A 304 -3.90 -7.54 -8.20
C GLY A 304 -2.80 -8.08 -9.08
N PHE A 305 -2.96 -7.92 -10.39
CA PHE A 305 -1.94 -8.39 -11.32
C PHE A 305 -1.87 -7.48 -12.53
N ASP A 306 -0.74 -7.49 -13.22
CA ASP A 306 -0.61 -6.76 -14.48
C ASP A 306 -0.89 -7.69 -15.64
N ARG A 307 -1.52 -7.15 -16.68
CA ARG A 307 -2.05 -7.95 -17.78
C ARG A 307 -1.00 -8.33 -18.83
N GLU A 308 0.21 -7.81 -18.73
CA GLU A 308 1.30 -8.24 -19.60
C GLU A 308 2.08 -9.43 -19.01
N GLY A 309 1.70 -9.87 -17.81
CA GLY A 309 2.33 -11.03 -17.17
C GLY A 309 3.78 -10.80 -16.74
N LYS A 310 4.16 -9.53 -16.62
CA LYS A 310 5.54 -9.15 -16.36
C LYS A 310 5.94 -9.19 -14.88
N PHE A 311 5.00 -8.88 -13.98
CA PHE A 311 5.32 -8.60 -12.59
C PHE A 311 4.61 -9.50 -11.60
N ARG A 312 5.21 -9.62 -10.42
CA ARG A 312 4.57 -10.26 -9.28
C ARG A 312 3.30 -9.47 -8.88
N ALA A 313 2.60 -9.91 -7.84
CA ALA A 313 1.33 -9.28 -7.43
C ALA A 313 1.45 -7.78 -7.04
N LEU A 314 0.48 -7.00 -7.48
CA LEU A 314 0.43 -5.56 -7.19
C LEU A 314 -0.10 -5.30 -5.80
N CYS A 315 -0.96 -6.20 -5.35
CA CYS A 315 -1.59 -6.11 -4.05
C CYS A 315 -2.31 -7.42 -3.78
N GLY A 316 -2.70 -7.61 -2.53
CA GLY A 316 -3.33 -8.85 -2.14
C GLY A 316 -4.11 -8.74 -0.85
N GLY A 317 -5.20 -9.49 -0.79
CA GLY A 317 -6.08 -9.42 0.37
C GLY A 317 -7.04 -10.56 0.46
N GLY A 318 -8.01 -10.44 1.36
CA GLY A 318 -9.05 -11.43 1.52
C GLY A 318 -9.86 -11.25 2.79
N ARG A 319 -10.76 -12.20 3.02
CA ARG A 319 -11.59 -12.22 4.21
C ARG A 319 -10.89 -13.12 5.22
N TYR A 320 -10.90 -12.69 6.47
CA TYR A 320 -10.30 -13.43 7.56
C TYR A 320 -11.22 -13.34 8.77
N ASP A 321 -12.22 -14.21 8.78
CA ASP A 321 -13.29 -14.15 9.78
C ASP A 321 -12.91 -14.70 11.15
N ASN A 322 -11.82 -15.48 11.24
CA ASN A 322 -11.45 -16.14 12.51
C ASN A 322 -10.23 -15.57 13.24
N LEU A 323 -9.44 -14.70 12.60
CA LEU A 323 -8.22 -14.20 13.23
C LEU A 323 -8.50 -13.69 14.64
N LEU A 324 -9.54 -12.86 14.76
CA LEU A 324 -9.91 -12.30 16.06
C LEU A 324 -10.41 -13.34 17.07
N THR A 325 -11.11 -14.37 16.62
CA THR A 325 -11.43 -15.47 17.53
C THR A 325 -10.13 -16.11 18.02
N THR A 326 -9.17 -16.24 17.12
CA THR A 326 -7.89 -16.88 17.41
C THR A 326 -7.04 -16.06 18.35
N TYR A 327 -7.26 -14.75 18.36
CA TYR A 327 -6.53 -13.86 19.27
C TYR A 327 -7.22 -13.76 20.62
N GLY A 328 -8.31 -14.49 20.79
CA GLY A 328 -8.98 -14.58 22.08
C GLY A 328 -10.17 -13.64 22.23
N SER A 329 -10.73 -13.18 21.12
CA SER A 329 -11.98 -12.43 21.17
C SER A 329 -13.09 -13.34 21.66
N PRO A 330 -13.88 -12.88 22.65
CA PRO A 330 -14.93 -13.72 23.19
C PRO A 330 -16.00 -14.07 22.14
N THR A 331 -16.25 -13.14 21.21
CA THR A 331 -17.18 -13.38 20.10
C THR A 331 -16.50 -13.12 18.76
N PRO A 332 -16.85 -13.92 17.72
CA PRO A 332 -16.17 -13.74 16.42
C PRO A 332 -16.39 -12.37 15.79
N ILE A 333 -15.36 -11.84 15.16
CA ILE A 333 -15.44 -10.53 14.52
C ILE A 333 -15.02 -10.68 13.07
N PRO A 334 -15.98 -10.55 12.13
CA PRO A 334 -15.64 -10.67 10.72
C PRO A 334 -14.81 -9.49 10.25
N CYS A 335 -13.79 -9.78 9.46
CA CYS A 335 -12.94 -8.78 8.85
C CYS A 335 -12.67 -9.17 7.42
N ALA A 336 -12.11 -8.21 6.70
CA ALA A 336 -11.52 -8.42 5.40
C ALA A 336 -10.68 -7.18 5.10
N GLY A 337 -9.63 -7.35 4.30
CA GLY A 337 -8.81 -6.22 3.89
C GLY A 337 -7.75 -6.60 2.90
N PHE A 338 -6.85 -5.67 2.59
CA PHE A 338 -5.72 -5.97 1.72
C PHE A 338 -4.45 -5.16 1.99
N GLY A 339 -3.35 -5.69 1.47
CA GLY A 339 -2.06 -5.01 1.48
C GLY A 339 -1.76 -4.60 0.05
N PHE A 340 -1.08 -3.47 -0.10
CA PHE A 340 -0.72 -2.93 -1.41
C PHE A 340 0.65 -2.30 -1.25
N GLY A 341 1.67 -2.98 -1.75
CA GLY A 341 3.05 -2.61 -1.46
C GLY A 341 3.55 -1.47 -2.34
N ASP A 342 4.70 -0.91 -1.96
CA ASP A 342 5.28 0.21 -2.70
C ASP A 342 6.29 -0.19 -3.78
N CYS A 343 6.63 -1.48 -3.86
CA CYS A 343 7.68 -1.95 -4.78
C CYS A 343 7.17 -2.25 -6.20
N VAL A 344 6.21 -3.17 -6.32
CA VAL A 344 5.76 -3.64 -7.64
C VAL A 344 4.98 -2.57 -8.39
N ILE A 345 4.08 -1.89 -7.71
CA ILE A 345 3.30 -0.82 -8.34
C ILE A 345 4.21 0.24 -8.95
N VAL A 346 5.34 0.49 -8.30
CA VAL A 346 6.30 1.46 -8.79
C VAL A 346 6.95 0.91 -10.06
N GLU A 347 7.42 -0.33 -9.98
CA GLU A 347 7.99 -1.02 -11.15
C GLU A 347 7.05 -0.95 -12.35
N LEU A 348 5.76 -1.17 -12.09
CA LEU A 348 4.74 -1.12 -13.11
C LEU A 348 4.56 0.27 -13.69
N LEU A 349 4.27 1.23 -12.82
CA LEU A 349 4.11 2.63 -13.24
C LEU A 349 5.32 3.10 -14.04
N GLN A 350 6.52 2.75 -13.58
CA GLN A 350 7.75 3.08 -14.31
C GLN A 350 7.79 2.51 -15.72
N GLU A 351 7.39 1.26 -15.89
CA GLU A 351 7.31 0.65 -17.23
C GLU A 351 6.32 1.37 -18.15
N LYS A 352 5.20 1.84 -17.60
CA LYS A 352 4.16 2.53 -18.35
C LYS A 352 4.45 4.02 -18.51
N ARG A 353 5.59 4.46 -17.96
CA ARG A 353 5.98 5.87 -17.98
C ARG A 353 4.90 6.79 -17.39
N LEU A 354 4.42 6.41 -16.21
CA LEU A 354 3.45 7.19 -15.46
C LEU A 354 4.02 7.74 -14.14
N LEU A 355 5.35 7.67 -13.97
CA LEU A 355 6.04 8.25 -12.81
C LEU A 355 7.21 9.14 -13.24
N PRO A 356 6.92 10.23 -13.96
CA PRO A 356 7.99 11.18 -14.25
C PRO A 356 8.43 11.90 -12.98
N ASP A 357 9.73 12.15 -12.86
CA ASP A 357 10.26 12.97 -11.78
C ASP A 357 9.53 14.30 -11.78
N ILE A 358 8.91 14.63 -10.65
CA ILE A 358 8.31 15.94 -10.46
C ILE A 358 9.39 16.77 -9.82
N PRO A 359 9.75 17.90 -10.44
CA PRO A 359 10.75 18.79 -9.88
C PRO A 359 10.14 19.74 -8.87
N HIS A 360 10.95 20.12 -7.88
CA HIS A 360 10.57 21.04 -6.80
C HIS A 360 10.14 22.41 -7.33
N VAL A 361 9.16 22.99 -6.67
CA VAL A 361 8.67 24.32 -6.99
C VAL A 361 8.63 25.15 -5.72
N VAL A 362 8.31 26.43 -5.89
CA VAL A 362 8.15 27.34 -4.77
C VAL A 362 7.58 28.59 -5.44
N ASP A 363 6.73 29.33 -4.73
CA ASP A 363 6.02 30.42 -5.39
C ASP A 363 6.96 31.59 -5.65
N ASP A 364 7.66 32.01 -4.60
CA ASP A 364 8.50 33.20 -4.60
C ASP A 364 9.90 32.96 -4.04
N VAL A 365 10.90 33.59 -4.65
CA VAL A 365 12.23 33.71 -4.09
C VAL A 365 12.50 35.21 -3.93
N VAL A 366 12.55 35.66 -2.68
CA VAL A 366 12.83 37.07 -2.38
C VAL A 366 14.32 37.33 -2.51
N ILE A 367 14.69 38.37 -3.27
CA ILE A 367 16.10 38.65 -3.56
C ILE A 367 16.49 40.06 -3.11
N PRO A 368 17.33 40.16 -2.07
CA PRO A 368 17.85 41.48 -1.71
C PRO A 368 18.87 41.97 -2.73
N PHE A 369 18.75 43.23 -3.12
CA PHE A 369 19.71 43.87 -4.01
C PHE A 369 21.08 43.89 -3.34
N ASP A 370 21.09 44.07 -2.02
CA ASP A 370 22.31 43.91 -1.22
C ASP A 370 21.96 43.79 0.26
N GLU A 371 22.94 43.49 1.09
CA GLU A 371 22.70 43.17 2.51
C GLU A 371 21.93 44.24 3.27
N SER A 372 22.14 45.51 2.92
CA SER A 372 21.36 46.61 3.51
C SER A 372 19.86 46.46 3.29
N MET A 373 19.48 45.81 2.21
CA MET A 373 18.06 45.53 1.91
C MET A 373 17.49 44.31 2.62
N ARG A 374 18.33 43.57 3.35
CA ARG A 374 17.91 42.33 3.99
C ARG A 374 16.72 42.53 4.94
N PRO A 375 16.78 43.51 5.86
CA PRO A 375 15.66 43.67 6.78
C PRO A 375 14.33 43.84 6.06
N HIS A 376 14.35 44.59 4.96
CA HIS A 376 13.14 44.87 4.21
C HIS A 376 12.69 43.59 3.50
N ALA A 377 13.61 42.96 2.78
CA ALA A 377 13.34 41.66 2.16
C ALA A 377 12.71 40.63 3.13
N LEU A 378 13.10 40.68 4.40
CA LEU A 378 12.54 39.82 5.42
C LEU A 378 11.08 40.13 5.73
N ALA A 379 10.71 41.41 5.66
CA ALA A 379 9.34 41.85 5.86
C ALA A 379 8.46 41.51 4.65
N VAL A 380 9.06 41.41 3.47
CA VAL A 380 8.34 41.04 2.26
C VAL A 380 8.14 39.53 2.31
N LEU A 381 9.20 38.83 2.71
CA LEU A 381 9.16 37.41 2.94
C LEU A 381 8.02 37.08 3.93
N ARG A 382 7.85 37.91 4.96
CA ARG A 382 6.78 37.72 5.93
C ARG A 382 5.41 37.79 5.26
N ARG A 383 5.24 38.80 4.42
CA ARG A 383 3.95 39.05 3.79
C ARG A 383 3.57 37.92 2.86
N LEU A 384 4.51 37.46 2.06
CA LEU A 384 4.22 36.40 1.11
C LEU A 384 3.77 35.13 1.83
N ARG A 385 4.52 34.74 2.87
CA ARG A 385 4.18 33.55 3.64
C ARG A 385 2.86 33.75 4.37
N ASP A 386 2.71 34.91 5.00
CA ASP A 386 1.46 35.26 5.68
C ASP A 386 0.26 35.04 4.78
N ALA A 387 0.45 35.14 3.47
CA ALA A 387 -0.62 34.94 2.47
C ALA A 387 -0.70 33.52 1.87
N GLY A 388 0.00 32.56 2.46
CA GLY A 388 -0.11 31.14 2.03
C GLY A 388 0.83 30.76 0.90
N ARG A 389 1.55 31.74 0.36
CA ARG A 389 2.52 31.47 -0.68
C ARG A 389 3.69 30.77 -0.04
N SER A 390 4.38 29.94 -0.80
CA SER A 390 5.63 29.39 -0.36
C SER A 390 6.73 30.33 -0.85
N ALA A 391 7.74 30.54 -0.03
CA ALA A 391 8.78 31.48 -0.37
C ALA A 391 10.10 31.21 0.34
N ASP A 392 11.17 31.48 -0.41
CA ASP A 392 12.53 31.43 0.08
C ASP A 392 13.06 32.83 0.02
N ILE A 393 14.10 33.09 0.80
CA ILE A 393 14.86 34.31 0.65
C ILE A 393 16.30 33.91 0.48
N ILE A 394 17.01 34.61 -0.39
CA ILE A 394 18.44 34.43 -0.54
C ILE A 394 19.08 34.54 0.85
N LEU A 395 19.82 33.51 1.25
CA LEU A 395 20.30 33.43 2.62
C LEU A 395 21.70 33.99 2.77
N ASP A 396 22.64 33.51 1.98
CA ASP A 396 24.01 34.09 1.99
C ASP A 396 24.12 35.33 1.10
N LYS A 397 25.16 36.10 1.35
CA LYS A 397 25.54 37.19 0.46
C LYS A 397 25.81 36.64 -0.95
N LYS A 398 25.03 37.10 -1.93
CA LYS A 398 25.36 36.82 -3.34
C LYS A 398 24.80 37.83 -4.37
N LYS A 399 25.46 37.89 -5.53
CA LYS A 399 25.05 38.81 -6.59
C LYS A 399 23.62 38.51 -6.99
N VAL A 400 22.92 39.54 -7.45
CA VAL A 400 21.60 39.38 -8.02
C VAL A 400 21.57 38.26 -9.06
N VAL A 401 22.56 38.27 -9.97
CA VAL A 401 22.58 37.32 -11.08
C VAL A 401 22.67 35.89 -10.59
N GLN A 402 23.43 35.68 -9.50
CA GLN A 402 23.55 34.38 -8.87
C GLN A 402 22.26 34.03 -8.16
N ALA A 403 21.60 35.04 -7.60
CA ALA A 403 20.32 34.88 -6.94
C ALA A 403 19.26 34.42 -7.93
N PHE A 404 19.28 34.97 -9.15
CA PHE A 404 18.34 34.55 -10.19
C PHE A 404 18.61 33.11 -10.65
N ASN A 405 19.88 32.75 -10.70
CA ASN A 405 20.25 31.39 -11.04
C ASN A 405 19.72 30.45 -9.97
N TYR A 406 19.82 30.87 -8.71
CA TYR A 406 19.33 30.08 -7.60
C TYR A 406 17.80 29.89 -7.69
N ALA A 407 17.11 30.99 -7.96
CA ALA A 407 15.66 30.95 -8.13
C ALA A 407 15.24 29.95 -9.19
N ASP A 408 15.97 29.90 -10.31
CA ASP A 408 15.68 28.96 -11.37
C ASP A 408 15.82 27.53 -10.85
N ARG A 409 16.97 27.26 -10.23
CA ARG A 409 17.30 25.92 -9.74
C ARG A 409 16.23 25.34 -8.84
N VAL A 410 15.64 26.15 -7.96
CA VAL A 410 14.67 25.66 -6.99
C VAL A 410 13.21 25.76 -7.45
N GLY A 411 12.99 26.05 -8.74
CA GLY A 411 11.66 26.05 -9.31
C GLY A 411 10.78 27.21 -8.89
N ALA A 412 11.39 28.35 -8.57
CA ALA A 412 10.66 29.57 -8.27
C ALA A 412 9.79 29.96 -9.44
N VAL A 413 8.50 30.17 -9.19
CA VAL A 413 7.59 30.67 -10.20
C VAL A 413 7.86 32.15 -10.46
N ARG A 414 8.34 32.83 -9.42
CA ARG A 414 8.44 34.27 -9.42
C ARG A 414 9.60 34.70 -8.55
N ALA A 415 10.42 35.61 -9.07
CA ALA A 415 11.47 36.27 -8.29
C ALA A 415 10.99 37.64 -7.90
N VAL A 416 11.26 38.04 -6.67
CA VAL A 416 10.92 39.37 -6.17
C VAL A 416 12.20 40.09 -5.72
N LEU A 417 12.69 40.98 -6.57
CA LEU A 417 13.88 41.75 -6.26
C LEU A 417 13.53 42.93 -5.37
N VAL A 418 14.29 43.10 -4.29
CA VAL A 418 14.10 44.22 -3.36
C VAL A 418 15.30 45.17 -3.45
N ALA A 419 15.13 46.26 -4.19
CA ALA A 419 16.17 47.25 -4.40
C ALA A 419 15.87 48.52 -3.59
N PRO A 420 16.91 49.29 -3.24
CA PRO A 420 16.73 50.47 -2.38
C PRO A 420 15.89 51.58 -3.02
N GLU A 421 15.98 51.68 -4.35
CA GLU A 421 15.34 52.78 -5.09
C GLU A 421 13.83 52.58 -5.07
N GLU A 422 13.43 51.36 -5.43
CA GLU A 422 12.03 50.95 -5.43
C GLU A 422 11.47 50.98 -4.01
N TRP A 423 12.27 50.59 -3.02
CA TRP A 423 11.80 50.57 -1.64
C TRP A 423 11.33 51.94 -1.14
N GLU A 424 12.08 52.99 -1.48
CA GLU A 424 11.71 54.36 -1.08
C GLU A 424 10.35 54.78 -1.64
N ARG A 425 10.02 54.29 -2.83
CA ARG A 425 8.70 54.50 -3.43
C ARG A 425 7.61 53.58 -2.85
N GLY A 426 8.02 52.55 -2.10
CA GLY A 426 7.09 51.53 -1.62
C GLY A 426 6.79 50.47 -2.66
N GLU A 427 7.79 50.18 -3.51
CA GLU A 427 7.65 49.19 -4.57
C GLU A 427 8.72 48.10 -4.47
N VAL A 428 8.51 47.01 -5.21
CA VAL A 428 9.50 45.93 -5.37
C VAL A 428 9.39 45.39 -6.78
N GLN A 429 10.49 44.91 -7.34
CA GLN A 429 10.47 44.40 -8.69
C GLN A 429 10.05 42.94 -8.70
N VAL A 430 9.24 42.57 -9.69
CA VAL A 430 8.68 41.23 -9.78
C VAL A 430 8.89 40.67 -11.17
N LYS A 431 9.47 39.48 -11.26
CA LYS A 431 9.70 38.82 -12.53
C LYS A 431 9.08 37.43 -12.51
N MET A 432 8.17 37.18 -13.46
CA MET A 432 7.58 35.86 -13.63
C MET A 432 8.55 35.03 -14.43
N LEU A 433 8.86 33.82 -13.96
CA LEU A 433 9.90 33.01 -14.59
C LEU A 433 9.35 32.03 -15.63
N ARG A 434 8.02 31.98 -15.79
CA ARG A 434 7.39 31.18 -16.85
C ARG A 434 6.16 31.90 -17.42
N ARG A 446 11.81 41.61 -18.62
CA ARG A 446 12.20 42.84 -17.94
C ARG A 446 12.21 42.68 -16.42
N GLY A 447 11.01 42.58 -15.81
CA GLY A 447 10.87 42.48 -14.35
C GLY A 447 10.23 43.73 -13.76
N PHE A 448 8.90 43.75 -13.73
CA PHE A 448 8.13 44.98 -13.50
C PHE A 448 8.04 45.45 -12.05
N ALA A 449 7.93 46.75 -11.85
CA ALA A 449 7.81 47.35 -10.52
C ALA A 449 6.40 47.20 -10.02
N VAL A 450 6.25 46.95 -8.73
CA VAL A 450 4.94 46.67 -8.14
C VAL A 450 4.90 47.22 -6.72
N PRO A 451 3.77 47.81 -6.31
CA PRO A 451 3.67 48.22 -4.90
C PRO A 451 3.64 47.02 -3.97
N LEU A 452 4.14 47.20 -2.76
CA LEU A 452 4.08 46.15 -1.73
C LEU A 452 2.72 45.46 -1.67
N ASP A 453 1.65 46.25 -1.64
CA ASP A 453 0.32 45.73 -1.35
C ASP A 453 -0.25 44.82 -2.44
N ARG A 454 0.26 44.97 -3.67
CA ARG A 454 -0.24 44.20 -4.82
C ARG A 454 0.50 42.90 -5.05
N LEU A 455 1.53 42.62 -4.24
CA LEU A 455 2.28 41.37 -4.35
C LEU A 455 1.41 40.15 -4.15
N VAL A 456 0.47 40.28 -3.23
CA VAL A 456 -0.28 39.15 -2.69
C VAL A 456 -1.76 39.28 -3.06
N HIS B . -1.20 -8.36 5.73
CA HIS B . -1.62 -8.95 4.43
C HIS B . -0.39 -9.16 3.58
O HIS B . -0.48 -9.49 2.40
CB HIS B . -2.60 -8.04 3.70
CG HIS B . -3.93 -7.94 4.35
ND1 HIS B . -4.80 -9.01 4.44
CD2 HIS B . -4.56 -6.90 4.95
CE1 HIS B . -5.90 -8.62 5.06
NE2 HIS B . -5.77 -7.34 5.38
OXT HIS B . 0.71 -8.99 4.09
N1 4JS C . 9.99 -5.97 1.80
C11 4JS C . 7.98 -7.32 0.49
C5 4JS C . 9.09 -6.66 2.53
C4 4JS C . 9.94 -5.95 0.46
C3 4JS C . 8.93 -6.61 -0.25
C6 4JS C . 9.19 -6.66 3.92
C1 4JS C . 9.37 -6.17 -3.95
C2 4JS C . 9.66 -5.99 -2.47
C9 4JS C . 7.12 -8.05 2.64
C8 4JS C . 7.21 -8.07 4.03
C7 4JS C . 8.24 -7.38 4.67
O 4JS C . 10.62 -5.33 -2.12
C 4JS C . 10.27 -5.36 -4.88
N 4JS C . 8.82 -6.61 -1.61
C10 4JS C . 8.06 -7.35 1.88
#